data_6G5N
#
_entry.id   6G5N
#
_cell.length_a   127.879
_cell.length_b   45.426
_cell.length_c   83.477
_cell.angle_alpha   90.00
_cell.angle_beta   102.14
_cell.angle_gamma   90.00
#
_symmetry.space_group_name_H-M   'C 1 2 1'
#
loop_
_entity.id
_entity.type
_entity.pdbx_description
1 polymer 'Nuclear autoantigen Sp-100'
2 non-polymer 'ZINC ION'
3 non-polymer '2-(N-MORPHOLINO)-ETHANESULFONIC ACID'
4 non-polymer 1,2-ETHANEDIOL
5 non-polymer (3-phenyl-1,2,4-oxadiazol-5-yl)methanamine
6 non-polymer 'CHLORIDE ION'
7 water water
#
_entity_poly.entity_id   1
_entity_poly.type   'polypeptide(L)'
_entity_poly.pdbx_seq_one_letter_code
;ENSNICEVCNKWGRLFCCDTCPRSFHEHCHIPSVEANKNPWSCIFCRIKTIQERCPESQSGHQESEVLMRQMLPEEQLKC
EFLLLKVYCDSKSCFFASEPYYNREGSQGPQKPMWLNKVKTSLNEQMYTRVEGFVQDMRLIFHNHKEFYREDKFTRLGIQ
VQDIFEKNFRNIFAIQETSK
;
_entity_poly.pdbx_strand_id   A,B
#
loop_
_chem_comp.id
_chem_comp.type
_chem_comp.name
_chem_comp.formula
CL non-polymer 'CHLORIDE ION' 'Cl -1'
EDO non-polymer 1,2-ETHANEDIOL 'C2 H6 O2'
ENK non-polymer (3-phenyl-1,2,4-oxadiazol-5-yl)methanamine 'C9 H9 N3 O'
MES non-polymer '2-(N-MORPHOLINO)-ETHANESULFONIC ACID' 'C6 H13 N O4 S'
ZN non-polymer 'ZINC ION' 'Zn 2'
#
# COMPACT_ATOMS: atom_id res chain seq x y z
N ASN A 2 -14.75 -15.27 19.21
CA ASN A 2 -14.62 -14.28 18.14
C ASN A 2 -13.16 -13.96 17.81
N SER A 3 -12.96 -13.35 16.65
CA SER A 3 -11.63 -12.95 16.22
C SER A 3 -11.07 -11.90 17.19
N ASN A 4 -9.74 -11.89 17.35
CA ASN A 4 -9.11 -10.90 18.21
C ASN A 4 -8.40 -9.80 17.44
N ILE A 5 -8.79 -9.62 16.17
CA ILE A 5 -8.35 -8.44 15.43
C ILE A 5 -9.52 -7.92 14.59
N CYS A 6 -9.45 -6.63 14.26
CA CYS A 6 -10.47 -6.00 13.42
C CYS A 6 -10.52 -6.63 12.04
N GLU A 7 -11.74 -6.96 11.59
CA GLU A 7 -11.91 -7.59 10.28
C GLU A 7 -11.40 -6.71 9.16
N VAL A 8 -11.50 -5.40 9.34
CA VAL A 8 -11.23 -4.44 8.29
C VAL A 8 -9.75 -4.04 8.22
N CYS A 9 -9.20 -3.61 9.35
CA CYS A 9 -7.83 -3.08 9.37
C CYS A 9 -6.82 -4.07 9.97
N ASN A 10 -7.30 -5.21 10.45
CA ASN A 10 -6.44 -6.29 10.93
C ASN A 10 -5.56 -5.90 12.13
N LYS A 11 -6.06 -4.99 12.95
CA LYS A 11 -5.35 -4.58 14.16
C LYS A 11 -6.21 -4.86 15.39
N TRP A 12 -5.56 -5.15 16.52
CA TRP A 12 -6.26 -5.30 17.80
C TRP A 12 -6.62 -3.92 18.36
N GLY A 13 -7.48 -3.89 19.36
CA GLY A 13 -7.84 -2.64 20.03
C GLY A 13 -9.16 -2.78 20.75
N ARG A 14 -9.92 -1.68 20.82
CA ARG A 14 -11.28 -1.73 21.35
C ARG A 14 -12.18 -2.32 20.27
N LEU A 15 -12.47 -3.61 20.37
CA LEU A 15 -13.19 -4.35 19.33
C LEU A 15 -14.62 -4.70 19.73
N PHE A 16 -15.52 -4.67 18.74
CA PHE A 16 -16.89 -5.09 18.95
C PHE A 16 -17.15 -6.41 18.23
N CYS A 17 -17.67 -7.38 18.97
CA CYS A 17 -17.84 -8.72 18.45
C CYS A 17 -19.23 -8.96 17.88
N CYS A 18 -19.27 -9.61 16.73
CA CYS A 18 -20.54 -10.04 16.15
C CYS A 18 -21.12 -11.20 16.96
N ASP A 19 -22.44 -11.26 17.05
CA ASP A 19 -23.09 -12.32 17.81
C ASP A 19 -23.46 -13.51 16.92
N THR A 20 -23.49 -13.28 15.62
CA THR A 20 -23.90 -14.34 14.69
C THR A 20 -22.73 -14.88 13.89
N CYS A 21 -21.55 -14.30 14.10
CA CYS A 21 -20.34 -14.81 13.46
C CYS A 21 -19.12 -14.40 14.28
N PRO A 22 -17.95 -14.96 13.95
CA PRO A 22 -16.75 -14.70 14.76
C PRO A 22 -15.96 -13.44 14.41
N ARG A 23 -16.49 -12.58 13.54
CA ARG A 23 -15.79 -11.34 13.19
C ARG A 23 -15.86 -10.28 14.29
N SER A 24 -14.82 -9.45 14.35
CA SER A 24 -14.77 -8.32 15.29
C SER A 24 -14.39 -7.03 14.57
N PHE A 25 -14.80 -5.89 15.12
CA PHE A 25 -14.58 -4.61 14.46
C PHE A 25 -14.26 -3.47 15.41
N HIS A 26 -13.35 -2.59 14.99
CA HIS A 26 -13.26 -1.27 15.60
C HIS A 26 -14.58 -0.56 15.35
N GLU A 27 -14.94 0.38 16.23
CA GLU A 27 -16.22 1.08 16.13
C GLU A 27 -16.43 1.74 14.78
N HIS A 28 -15.43 2.47 14.29
CA HIS A 28 -15.57 3.20 13.05
C HIS A 28 -14.91 2.51 11.85
N CYS A 29 -14.46 1.27 12.03
CA CYS A 29 -14.06 0.45 10.88
C CYS A 29 -15.27 -0.23 10.27
N HIS A 30 -16.20 -0.68 11.12
CA HIS A 30 -17.46 -1.19 10.64
C HIS A 30 -18.23 -0.09 9.93
N ILE A 31 -19.01 -0.46 8.92
CA ILE A 31 -19.90 0.45 8.22
C ILE A 31 -21.27 -0.21 8.16
N PRO A 32 -22.30 0.47 8.68
CA PRO A 32 -22.21 1.71 9.45
C PRO A 32 -21.45 1.51 10.75
N SER A 33 -21.06 2.60 11.41
CA SER A 33 -20.40 2.54 12.71
CA SER A 33 -20.39 2.53 12.71
C SER A 33 -21.18 1.63 13.66
N VAL A 34 -20.48 0.80 14.41
CA VAL A 34 -21.14 -0.18 15.28
C VAL A 34 -22.22 0.46 16.14
N GLU A 35 -23.43 -0.11 16.06
CA GLU A 35 -24.59 0.42 16.74
C GLU A 35 -24.49 0.23 18.25
N ALA A 36 -25.02 1.19 19.00
CA ALA A 36 -24.92 1.18 20.46
C ALA A 36 -26.09 0.45 21.11
N ASN A 37 -26.92 -0.21 20.30
CA ASN A 37 -28.06 -0.95 20.82
C ASN A 37 -27.61 -2.20 21.57
N LYS A 38 -28.49 -2.70 22.46
CA LYS A 38 -28.16 -3.83 23.30
C LYS A 38 -28.11 -5.15 22.52
N ASN A 39 -27.92 -6.24 23.25
CA ASN A 39 -27.87 -7.58 22.68
C ASN A 39 -29.12 -7.94 21.88
N PRO A 40 -28.94 -8.61 20.74
CA PRO A 40 -27.61 -8.89 20.19
C PRO A 40 -27.22 -7.89 19.10
N TRP A 41 -26.12 -8.17 18.42
CA TRP A 41 -25.68 -7.35 17.29
C TRP A 41 -25.10 -8.24 16.19
N SER A 42 -25.53 -7.99 14.96
CA SER A 42 -24.99 -8.70 13.81
C SER A 42 -24.25 -7.72 12.90
N CYS A 43 -23.04 -8.09 12.50
CA CYS A 43 -22.22 -7.27 11.60
C CYS A 43 -22.79 -7.26 10.19
N ILE A 44 -22.27 -6.38 9.35
CA ILE A 44 -22.78 -6.22 8.00
C ILE A 44 -22.61 -7.48 7.13
N PHE A 45 -21.59 -8.29 7.38
CA PHE A 45 -21.43 -9.54 6.64
C PHE A 45 -22.65 -10.44 6.86
N CYS A 46 -23.07 -10.53 8.13
CA CYS A 46 -24.22 -11.36 8.50
C CYS A 46 -25.51 -10.80 7.93
N ARG A 47 -25.65 -9.49 7.98
CA ARG A 47 -26.86 -8.84 7.49
C ARG A 47 -26.98 -9.01 5.98
N ILE A 48 -25.84 -8.94 5.28
CA ILE A 48 -25.85 -9.16 3.85
C ILE A 48 -26.16 -10.63 3.56
N LYS A 49 -25.57 -11.53 4.34
CA LYS A 49 -25.85 -12.96 4.20
C LYS A 49 -27.33 -13.27 4.38
N THR A 50 -27.96 -12.64 5.37
CA THR A 50 -29.38 -12.85 5.63
C THR A 50 -30.22 -12.44 4.42
N ILE A 51 -29.92 -11.28 3.84
CA ILE A 51 -30.60 -10.80 2.65
C ILE A 51 -30.51 -11.80 1.51
N GLN A 52 -29.31 -12.30 1.27
CA GLN A 52 -29.08 -13.22 0.17
C GLN A 52 -29.87 -14.51 0.36
N GLU A 53 -29.85 -15.03 1.59
CA GLU A 53 -30.54 -16.29 1.92
C GLU A 53 -32.06 -16.19 1.88
N ARG A 54 -32.60 -15.03 2.24
CA ARG A 54 -34.06 -14.85 2.24
C ARG A 54 -34.59 -14.79 0.82
N CYS A 55 -33.73 -14.40 -0.11
CA CYS A 55 -34.11 -14.26 -1.51
CA CYS A 55 -34.10 -14.21 -1.50
C CYS A 55 -33.03 -14.85 -2.39
N PRO A 56 -33.01 -16.19 -2.47
CA PRO A 56 -31.99 -16.93 -3.23
C PRO A 56 -31.88 -16.47 -4.68
N GLU A 57 -32.99 -16.05 -5.27
CA GLU A 57 -33.00 -15.67 -6.67
C GLU A 57 -32.26 -14.35 -6.90
N SER A 58 -31.98 -13.62 -5.82
CA SER A 58 -31.27 -12.36 -5.94
C SER A 58 -29.84 -12.61 -6.41
N GLN A 59 -29.43 -13.87 -6.40
CA GLN A 59 -28.08 -14.24 -6.83
C GLN A 59 -28.02 -14.47 -8.34
N SER A 60 -29.17 -14.49 -9.01
CA SER A 60 -29.18 -14.63 -10.46
C SER A 60 -28.56 -13.39 -11.10
N GLY A 61 -28.11 -13.50 -12.34
CA GLY A 61 -27.44 -12.41 -13.02
C GLY A 61 -28.28 -11.17 -13.26
N HIS A 62 -27.65 -10.00 -13.11
CA HIS A 62 -28.27 -8.70 -13.36
C HIS A 62 -27.48 -7.85 -14.36
N GLN A 63 -28.15 -6.93 -15.04
CA GLN A 63 -27.48 -5.94 -15.87
C GLN A 63 -26.97 -4.78 -15.00
N GLU A 64 -25.74 -4.33 -15.22
CA GLU A 64 -25.22 -3.20 -14.44
C GLU A 64 -26.13 -1.97 -14.54
N SER A 65 -26.64 -1.72 -15.75
CA SER A 65 -27.46 -0.54 -15.99
C SER A 65 -28.71 -0.54 -15.10
N GLU A 66 -29.32 -1.70 -14.90
CA GLU A 66 -30.47 -1.83 -14.03
C GLU A 66 -30.07 -1.63 -12.57
N VAL A 67 -28.95 -2.21 -12.17
CA VAL A 67 -28.48 -2.04 -10.79
C VAL A 67 -28.25 -0.57 -10.45
N LEU A 68 -27.63 0.17 -11.36
CA LEU A 68 -27.24 1.55 -11.08
C LEU A 68 -28.47 2.44 -10.93
N MET A 69 -29.54 2.12 -11.64
CA MET A 69 -30.74 2.95 -11.55
C MET A 69 -31.60 2.67 -10.31
N ARG A 70 -31.24 1.68 -9.51
CA ARG A 70 -32.03 1.39 -8.31
C ARG A 70 -32.00 2.51 -7.30
N GLN A 71 -33.17 2.85 -6.76
CA GLN A 71 -33.23 3.81 -5.65
C GLN A 71 -32.56 3.23 -4.39
N MET A 72 -32.01 4.13 -3.57
CA MET A 72 -31.29 3.69 -2.38
C MET A 72 -32.22 3.36 -1.22
N LEU A 73 -33.08 2.37 -1.44
CA LEU A 73 -33.89 1.81 -0.36
C LEU A 73 -32.94 1.12 0.64
N PRO A 74 -33.43 0.79 1.84
CA PRO A 74 -32.57 0.22 2.89
C PRO A 74 -31.65 -0.93 2.45
N GLU A 75 -32.11 -1.86 1.62
CA GLU A 75 -31.27 -2.99 1.23
CA GLU A 75 -31.27 -2.99 1.23
C GLU A 75 -30.17 -2.58 0.26
N GLU A 76 -30.47 -1.63 -0.62
CA GLU A 76 -29.44 -1.11 -1.53
CA GLU A 76 -29.45 -1.09 -1.53
C GLU A 76 -28.44 -0.24 -0.76
N GLN A 77 -28.95 0.53 0.19
CA GLN A 77 -28.08 1.32 1.08
C GLN A 77 -27.11 0.38 1.79
N LEU A 78 -27.63 -0.72 2.32
CA LEU A 78 -26.79 -1.70 3.00
C LEU A 78 -25.72 -2.28 2.10
N LYS A 79 -26.11 -2.67 0.88
CA LYS A 79 -25.16 -3.26 -0.04
CA LYS A 79 -25.17 -3.25 -0.07
C LYS A 79 -24.04 -2.28 -0.41
N CYS A 80 -24.37 -0.99 -0.53
CA CYS A 80 -23.32 -0.01 -0.83
C CYS A 80 -22.39 0.18 0.35
N GLU A 81 -22.95 0.19 1.56
CA GLU A 81 -22.12 0.26 2.79
C GLU A 81 -21.17 -0.93 2.84
N PHE A 82 -21.65 -2.11 2.47
CA PHE A 82 -20.83 -3.31 2.45
C PHE A 82 -19.71 -3.24 1.41
N LEU A 83 -20.06 -2.79 0.21
CA LEU A 83 -19.10 -2.64 -0.88
C LEU A 83 -18.00 -1.63 -0.49
N LEU A 84 -18.40 -0.53 0.13
CA LEU A 84 -17.42 0.45 0.63
C LEU A 84 -16.49 -0.18 1.68
N LEU A 85 -17.07 -0.94 2.59
CA LEU A 85 -16.27 -1.62 3.62
C LEU A 85 -15.28 -2.61 3.03
N LYS A 86 -15.69 -3.33 1.99
CA LYS A 86 -14.79 -4.28 1.34
C LYS A 86 -13.58 -3.54 0.73
N VAL A 87 -13.78 -2.34 0.21
CA VAL A 87 -12.62 -1.57 -0.25
C VAL A 87 -11.71 -1.16 0.92
N TYR A 88 -12.29 -0.71 2.03
CA TYR A 88 -11.46 -0.38 3.19
C TYR A 88 -10.71 -1.60 3.72
N CYS A 89 -11.22 -2.79 3.45
CA CYS A 89 -10.56 -4.03 3.94
C CYS A 89 -9.19 -4.24 3.32
N ASP A 90 -8.96 -3.65 2.17
CA ASP A 90 -7.65 -3.74 1.51
C ASP A 90 -6.71 -2.67 2.06
N SER A 91 -5.50 -3.06 2.45
CA SER A 91 -4.59 -2.09 3.06
C SER A 91 -4.26 -0.93 2.13
N LYS A 92 -4.32 -1.16 0.82
CA LYS A 92 -3.97 -0.11 -0.13
C LYS A 92 -5.04 0.98 -0.17
N SER A 93 -6.13 0.74 0.54
CA SER A 93 -7.18 1.76 0.62
C SER A 93 -6.69 3.01 1.38
N CYS A 94 -5.62 2.89 2.15
CA CYS A 94 -5.09 4.04 2.88
C CYS A 94 -4.78 5.23 1.95
N PHE A 95 -4.34 4.93 0.73
CA PHE A 95 -3.96 5.99 -0.21
C PHE A 95 -5.16 6.82 -0.68
N PHE A 96 -6.36 6.26 -0.51
CA PHE A 96 -7.58 6.86 -1.08
C PHE A 96 -8.58 7.27 0.00
N ALA A 97 -8.20 7.14 1.26
CA ALA A 97 -9.12 7.37 2.38
C ALA A 97 -9.35 8.86 2.66
N SER A 98 -8.28 9.64 2.74
CA SER A 98 -8.44 11.03 3.17
CA SER A 98 -8.36 11.03 3.18
C SER A 98 -8.33 12.01 2.01
N GLU A 99 -8.59 13.28 2.29
CA GLU A 99 -8.63 14.31 1.24
C GLU A 99 -7.25 14.48 0.61
N PRO A 100 -7.18 14.31 -0.73
CA PRO A 100 -5.91 14.41 -1.45
C PRO A 100 -5.52 15.85 -1.77
N TYR A 101 -4.28 16.04 -2.17
CA TYR A 101 -3.84 17.32 -2.69
C TYR A 101 -2.96 17.08 -3.90
N TYR A 102 -2.88 18.08 -4.76
CA TYR A 102 -2.26 17.91 -6.06
C TYR A 102 -1.29 19.02 -6.40
N ASN A 103 0.00 18.72 -6.29
CA ASN A 103 1.02 19.66 -6.71
C ASN A 103 2.21 18.90 -7.28
N ARG A 104 2.06 18.52 -8.53
CA ARG A 104 3.07 17.75 -9.23
CA ARG A 104 3.06 17.74 -9.23
C ARG A 104 3.43 18.43 -10.53
N GLU A 105 4.73 18.53 -10.79
CA GLU A 105 5.20 19.13 -12.03
C GLU A 105 4.58 18.43 -13.23
N GLY A 106 3.92 19.20 -14.08
CA GLY A 106 3.34 18.66 -15.30
C GLY A 106 1.99 17.99 -15.17
N SER A 107 1.32 18.22 -14.03
CA SER A 107 -0.02 17.68 -13.81
C SER A 107 -0.92 18.74 -13.17
N GLN A 108 -2.20 18.74 -13.54
CA GLN A 108 -3.18 19.57 -12.86
C GLN A 108 -4.12 18.66 -12.06
N GLY A 109 -4.51 19.09 -10.87
CA GLY A 109 -5.41 18.32 -10.03
C GLY A 109 -6.77 18.14 -10.70
N PRO A 110 -7.52 17.11 -10.29
CA PRO A 110 -8.84 16.85 -10.88
C PRO A 110 -9.86 17.93 -10.55
N GLN A 111 -10.85 18.11 -11.43
CA GLN A 111 -11.88 19.11 -11.24
C GLN A 111 -12.78 18.77 -10.06
N LYS A 112 -12.94 17.47 -9.83
CA LYS A 112 -13.79 17.01 -8.72
C LYS A 112 -13.06 15.94 -7.91
N PRO A 113 -12.30 16.38 -6.89
CA PRO A 113 -11.59 15.47 -6.00
C PRO A 113 -12.59 14.57 -5.27
N MET A 114 -12.18 13.35 -4.95
CA MET A 114 -13.07 12.42 -4.26
C MET A 114 -12.19 11.46 -3.46
N TRP A 115 -12.69 10.99 -2.31
CA TRP A 115 -11.89 10.12 -1.44
C TRP A 115 -12.86 9.28 -0.61
N LEU A 116 -12.37 8.18 -0.06
CA LEU A 116 -13.28 7.21 0.57
C LEU A 116 -14.00 7.78 1.80
N ASN A 117 -13.33 8.58 2.62
CA ASN A 117 -13.99 9.08 3.83
C ASN A 117 -15.13 10.02 3.46
N LYS A 118 -15.00 10.68 2.32
CA LYS A 118 -16.08 11.55 1.83
C LYS A 118 -17.29 10.71 1.37
N VAL A 119 -17.03 9.62 0.65
CA VAL A 119 -18.10 8.70 0.27
C VAL A 119 -18.75 8.09 1.50
N LYS A 120 -17.95 7.77 2.52
CA LYS A 120 -18.49 7.22 3.77
C LYS A 120 -19.45 8.21 4.44
N THR A 121 -19.02 9.46 4.51
CA THR A 121 -19.88 10.49 5.09
C THR A 121 -21.15 10.71 4.24
N SER A 122 -21.00 10.72 2.92
CA SER A 122 -22.16 10.87 2.03
C SER A 122 -23.18 9.74 2.22
N LEU A 123 -22.70 8.50 2.37
CA LEU A 123 -23.58 7.39 2.70
C LEU A 123 -24.27 7.60 4.04
N ASN A 124 -23.50 7.97 5.05
CA ASN A 124 -24.04 8.13 6.40
C ASN A 124 -25.13 9.19 6.46
N GLU A 125 -24.98 10.24 5.65
CA GLU A 125 -25.95 11.33 5.64
C GLU A 125 -27.02 11.16 4.56
N GLN A 126 -27.11 9.94 4.02
CA GLN A 126 -28.12 9.56 3.04
C GLN A 126 -28.18 10.54 1.86
N MET A 127 -27.01 10.86 1.30
CA MET A 127 -26.93 11.83 0.22
CA MET A 127 -26.91 11.83 0.22
C MET A 127 -27.12 11.20 -1.16
N TYR A 128 -27.00 9.88 -1.25
CA TYR A 128 -27.23 9.23 -2.54
C TYR A 128 -28.67 8.74 -2.67
N THR A 129 -29.35 9.11 -3.75
CA THR A 129 -30.73 8.66 -3.98
C THR A 129 -30.78 7.37 -4.81
N ARG A 130 -29.74 7.13 -5.60
CA ARG A 130 -29.65 5.90 -6.37
CA ARG A 130 -29.65 5.90 -6.37
C ARG A 130 -28.26 5.30 -6.26
N VAL A 131 -28.17 4.00 -6.53
CA VAL A 131 -26.89 3.29 -6.50
C VAL A 131 -25.86 3.97 -7.40
N GLU A 132 -26.34 4.53 -8.51
CA GLU A 132 -25.50 5.22 -9.47
C GLU A 132 -24.62 6.32 -8.87
N GLY A 133 -25.18 7.07 -7.92
CA GLY A 133 -24.45 8.17 -7.31
C GLY A 133 -23.25 7.65 -6.53
N PHE A 134 -23.47 6.58 -5.79
CA PHE A 134 -22.43 5.96 -4.99
C PHE A 134 -21.36 5.36 -5.89
N VAL A 135 -21.78 4.61 -6.91
CA VAL A 135 -20.81 3.97 -7.79
C VAL A 135 -20.00 5.01 -8.56
N GLN A 136 -20.65 6.09 -9.02
CA GLN A 136 -19.90 7.12 -9.74
C GLN A 136 -18.82 7.78 -8.87
N ASP A 137 -19.13 8.09 -7.62
CA ASP A 137 -18.14 8.68 -6.71
C ASP A 137 -16.97 7.72 -6.48
N MET A 138 -17.27 6.44 -6.30
CA MET A 138 -16.22 5.43 -6.09
C MET A 138 -15.29 5.32 -7.30
N ARG A 139 -15.88 5.20 -8.49
CA ARG A 139 -15.09 5.11 -9.72
C ARG A 139 -14.29 6.39 -10.01
N LEU A 140 -14.85 7.53 -9.60
CA LEU A 140 -14.17 8.81 -9.72
C LEU A 140 -12.84 8.84 -8.95
N ILE A 141 -12.84 8.23 -7.77
CA ILE A 141 -11.62 8.17 -6.95
C ILE A 141 -10.47 7.61 -7.78
N PHE A 142 -10.70 6.49 -8.44
CA PHE A 142 -9.61 5.81 -9.12
C PHE A 142 -9.30 6.45 -10.47
N HIS A 143 -10.31 6.99 -11.12
CA HIS A 143 -10.10 7.70 -12.39
C HIS A 143 -9.27 8.97 -12.17
N ASN A 144 -9.58 9.71 -11.11
CA ASN A 144 -8.82 10.90 -10.77
C ASN A 144 -7.34 10.55 -10.58
N HIS A 145 -7.11 9.48 -9.84
CA HIS A 145 -5.76 8.99 -9.55
C HIS A 145 -4.99 8.65 -10.82
N LYS A 146 -5.64 7.92 -11.72
CA LYS A 146 -5.00 7.50 -12.97
C LYS A 146 -4.65 8.68 -13.88
N GLU A 147 -5.58 9.63 -13.99
CA GLU A 147 -5.33 10.83 -14.78
C GLU A 147 -4.19 11.68 -14.21
N PHE A 148 -4.10 11.76 -12.89
CA PHE A 148 -3.15 12.68 -12.27
C PHE A 148 -1.72 12.14 -12.30
N TYR A 149 -1.55 10.87 -11.96
CA TYR A 149 -0.20 10.32 -11.86
C TYR A 149 0.33 9.80 -13.20
N ARG A 150 -0.55 9.71 -14.19
CA ARG A 150 -0.16 9.44 -15.56
C ARG A 150 0.72 8.21 -15.72
N GLU A 151 2.00 8.42 -15.94
CA GLU A 151 2.91 7.31 -16.24
C GLU A 151 3.75 6.90 -15.03
N ASP A 152 3.65 7.66 -13.93
CA ASP A 152 4.32 7.27 -12.70
C ASP A 152 3.77 5.90 -12.28
N LYS A 153 4.65 5.00 -11.87
CA LYS A 153 4.22 3.66 -11.48
C LYS A 153 3.21 3.70 -10.34
N PHE A 154 3.13 4.83 -9.65
CA PHE A 154 2.16 4.99 -8.56
C PHE A 154 0.72 4.84 -9.07
N THR A 155 0.53 5.00 -10.39
CA THR A 155 -0.79 4.83 -10.99
CA THR A 155 -0.80 4.83 -10.96
C THR A 155 -1.36 3.46 -10.67
N ARG A 156 -0.48 2.47 -10.56
CA ARG A 156 -0.88 1.09 -10.32
C ARG A 156 -1.70 0.90 -9.05
N LEU A 157 -1.49 1.75 -8.05
CA LEU A 157 -2.28 1.63 -6.82
C LEU A 157 -3.77 1.84 -7.13
N GLY A 158 -4.06 2.80 -8.00
CA GLY A 158 -5.44 3.08 -8.38
C GLY A 158 -6.06 1.91 -9.10
N ILE A 159 -5.27 1.29 -9.99
CA ILE A 159 -5.73 0.11 -10.71
C ILE A 159 -6.01 -1.04 -9.74
N GLN A 160 -5.12 -1.26 -8.78
CA GLN A 160 -5.30 -2.36 -7.84
C GLN A 160 -6.52 -2.21 -6.95
N VAL A 161 -6.73 -1.02 -6.41
CA VAL A 161 -7.86 -0.83 -5.51
C VAL A 161 -9.17 -0.78 -6.30
N GLN A 162 -9.14 -0.22 -7.51
CA GLN A 162 -10.32 -0.26 -8.36
C GLN A 162 -10.72 -1.71 -8.70
N ASP A 163 -9.76 -2.59 -8.92
CA ASP A 163 -10.07 -3.99 -9.20
CA ASP A 163 -10.06 -3.98 -9.20
CA ASP A 163 -10.07 -3.99 -9.20
C ASP A 163 -10.81 -4.60 -8.02
N ILE A 164 -10.40 -4.24 -6.81
CA ILE A 164 -11.07 -4.71 -5.59
C ILE A 164 -12.50 -4.20 -5.55
N PHE A 165 -12.68 -2.92 -5.84
CA PHE A 165 -14.04 -2.35 -5.89
C PHE A 165 -14.93 -3.08 -6.91
N GLU A 166 -14.42 -3.27 -8.13
CA GLU A 166 -15.23 -3.81 -9.21
C GLU A 166 -15.57 -5.29 -9.00
N LYS A 167 -14.61 -6.08 -8.50
CA LYS A 167 -14.89 -7.47 -8.16
C LYS A 167 -15.98 -7.58 -7.12
N ASN A 168 -15.92 -6.74 -6.09
CA ASN A 168 -16.92 -6.80 -5.04
C ASN A 168 -18.26 -6.26 -5.49
N PHE A 169 -18.22 -5.26 -6.36
CA PHE A 169 -19.46 -4.75 -6.95
C PHE A 169 -20.16 -5.85 -7.70
N ARG A 170 -19.42 -6.55 -8.57
CA ARG A 170 -20.02 -7.62 -9.35
C ARG A 170 -20.56 -8.73 -8.46
N ASN A 171 -19.85 -9.03 -7.37
CA ASN A 171 -20.30 -10.09 -6.47
C ASN A 171 -21.53 -9.70 -5.67
N ILE A 172 -21.46 -8.54 -5.04
CA ILE A 172 -22.49 -8.10 -4.11
C ILE A 172 -23.80 -7.82 -4.85
N PHE A 173 -23.70 -7.23 -6.03
CA PHE A 173 -24.89 -6.91 -6.78
C PHE A 173 -25.22 -7.96 -7.84
N ALA A 174 -24.52 -9.08 -7.79
CA ALA A 174 -24.80 -10.23 -8.66
C ALA A 174 -24.96 -9.82 -10.13
N ILE A 175 -23.96 -9.13 -10.64
CA ILE A 175 -23.88 -8.76 -12.04
C ILE A 175 -23.70 -10.02 -12.88
N GLN A 176 -24.42 -10.09 -13.99
CA GLN A 176 -24.35 -11.25 -14.89
C GLN A 176 -22.93 -11.50 -15.36
N GLU A 177 -22.44 -12.73 -15.15
CA GLU A 177 -21.12 -13.13 -15.62
C GLU A 177 -21.02 -13.08 -17.14
N THR A 178 -19.94 -12.48 -17.65
CA THR A 178 -19.68 -12.47 -19.09
C THR A 178 -18.22 -12.78 -19.39
N SER A 179 -17.94 -13.12 -20.65
N GLU B 1 34.02 12.23 -17.65
CA GLU B 1 33.01 12.92 -16.84
C GLU B 1 32.17 11.95 -16.03
N ASN B 2 32.27 10.65 -16.34
CA ASN B 2 31.57 9.62 -15.57
C ASN B 2 32.47 8.46 -15.15
N SER B 3 32.15 7.86 -14.02
CA SER B 3 32.90 6.72 -13.50
C SER B 3 32.86 5.55 -14.47
N ASN B 4 33.92 4.75 -14.49
CA ASN B 4 33.96 3.57 -15.34
C ASN B 4 33.70 2.29 -14.56
N ILE B 5 33.18 2.44 -13.34
CA ILE B 5 32.69 1.30 -12.58
C ILE B 5 31.33 1.63 -11.98
N CYS B 6 30.56 0.57 -11.70
CA CYS B 6 29.27 0.70 -11.06
C CYS B 6 29.39 1.25 -9.64
N GLU B 7 28.63 2.29 -9.34
CA GLU B 7 28.61 2.91 -8.02
C GLU B 7 28.31 1.89 -6.93
N VAL B 8 27.47 0.91 -7.24
CA VAL B 8 26.97 0.00 -6.22
C VAL B 8 27.90 -1.18 -5.96
N CYS B 9 28.25 -1.92 -7.02
CA CYS B 9 29.03 -3.14 -6.86
C CYS B 9 30.50 -2.97 -7.23
N ASN B 10 30.84 -1.80 -7.79
CA ASN B 10 32.21 -1.47 -8.18
C ASN B 10 32.83 -2.38 -9.24
N LYS B 11 31.99 -2.98 -10.07
CA LYS B 11 32.48 -3.80 -11.17
C LYS B 11 32.30 -3.05 -12.50
N TRP B 12 33.09 -3.41 -13.50
CA TRP B 12 33.04 -2.71 -14.78
C TRP B 12 31.98 -3.29 -15.71
N GLY B 13 31.78 -2.61 -16.84
CA GLY B 13 31.03 -3.17 -17.95
C GLY B 13 29.52 -2.99 -17.92
N ARG B 14 28.95 -2.76 -19.09
CA ARG B 14 27.51 -2.71 -19.25
C ARG B 14 26.90 -1.62 -18.38
N LEU B 15 27.52 -0.43 -18.42
CA LEU B 15 27.19 0.65 -17.49
C LEU B 15 26.26 1.69 -18.09
N PHE B 16 25.37 2.23 -17.26
CA PHE B 16 24.55 3.39 -17.60
C PHE B 16 25.07 4.59 -16.83
N CYS B 17 25.36 5.68 -17.53
CA CYS B 17 25.93 6.85 -16.89
CA CYS B 17 25.93 6.87 -16.91
C CYS B 17 24.86 7.87 -16.54
N CYS B 18 25.00 8.48 -15.36
CA CYS B 18 24.04 9.51 -14.97
C CYS B 18 24.35 10.78 -15.76
N ASP B 19 23.30 11.53 -16.11
CA ASP B 19 23.48 12.73 -16.92
C ASP B 19 23.67 13.99 -16.07
N THR B 20 23.45 13.88 -14.77
CA THR B 20 23.56 15.05 -13.91
C THR B 20 24.58 14.89 -12.78
N CYS B 21 25.31 13.77 -12.79
CA CYS B 21 26.45 13.57 -11.89
C CYS B 21 27.37 12.50 -12.50
N PRO B 22 28.57 12.31 -11.92
CA PRO B 22 29.57 11.42 -12.51
C PRO B 22 29.31 9.92 -12.31
N ARG B 23 28.30 9.56 -11.52
CA ARG B 23 28.10 8.15 -11.18
C ARG B 23 27.66 7.29 -12.38
N SER B 24 28.04 6.01 -12.34
CA SER B 24 27.57 5.05 -13.33
C SER B 24 26.97 3.84 -12.62
N PHE B 25 26.11 3.09 -13.30
CA PHE B 25 25.37 2.00 -12.70
C PHE B 25 25.11 0.84 -13.65
N HIS B 26 25.12 -0.37 -13.12
CA HIS B 26 24.51 -1.49 -13.81
C HIS B 26 22.99 -1.32 -13.78
N GLU B 27 22.32 -1.83 -14.81
CA GLU B 27 20.86 -1.70 -14.92
C GLU B 27 20.16 -2.10 -13.63
N HIS B 28 20.56 -3.25 -13.08
CA HIS B 28 19.86 -3.82 -11.94
C HIS B 28 20.60 -3.60 -10.62
N CYS B 29 21.71 -2.88 -10.66
CA CYS B 29 22.34 -2.42 -9.43
C CYS B 29 21.67 -1.15 -8.97
N HIS B 30 21.30 -0.30 -9.93
CA HIS B 30 20.50 0.87 -9.59
C HIS B 30 19.13 0.43 -9.07
N ILE B 31 18.56 1.21 -8.16
CA ILE B 31 17.19 1.00 -7.68
C ILE B 31 16.45 2.32 -7.76
N PRO B 32 15.27 2.33 -8.40
CA PRO B 32 14.73 1.22 -9.18
C PRO B 32 15.59 0.96 -10.42
N SER B 33 15.35 -0.14 -11.12
CA SER B 33 16.13 -0.48 -12.31
C SER B 33 16.23 0.70 -13.27
N VAL B 34 17.39 0.86 -13.90
CA VAL B 34 17.61 1.95 -14.86
C VAL B 34 16.56 1.93 -15.96
N GLU B 35 15.99 3.09 -16.27
CA GLU B 35 15.09 3.23 -17.40
C GLU B 35 15.90 3.43 -18.68
N ALA B 36 16.12 2.34 -19.40
CA ALA B 36 17.02 2.34 -20.56
C ALA B 36 16.55 3.21 -21.71
N ASN B 37 15.31 3.66 -21.65
CA ASN B 37 14.72 4.46 -22.72
C ASN B 37 14.91 5.97 -22.51
N LYS B 38 15.29 6.37 -21.30
CA LYS B 38 15.26 7.77 -20.91
C LYS B 38 16.53 8.55 -21.28
N ASN B 39 16.33 9.74 -21.83
CA ASN B 39 17.41 10.67 -22.15
C ASN B 39 16.91 12.10 -22.09
N PRO B 40 17.45 12.90 -21.15
CA PRO B 40 18.49 12.46 -20.22
C PRO B 40 17.94 11.61 -19.08
N TRP B 41 18.81 10.83 -18.46
CA TRP B 41 18.46 10.02 -17.30
C TRP B 41 19.24 10.48 -16.08
N SER B 42 18.54 10.68 -14.97
CA SER B 42 19.19 11.04 -13.71
C SER B 42 19.09 9.88 -12.72
N CYS B 43 20.18 9.64 -12.00
CA CYS B 43 20.24 8.56 -11.04
C CYS B 43 19.51 8.94 -9.76
N ILE B 44 19.40 7.99 -8.84
CA ILE B 44 18.63 8.19 -7.61
C ILE B 44 19.33 9.15 -6.63
N PHE B 45 20.66 9.16 -6.63
CA PHE B 45 21.38 10.16 -5.82
C PHE B 45 20.95 11.57 -6.22
N CYS B 46 20.86 11.82 -7.52
CA CYS B 46 20.47 13.12 -8.04
C CYS B 46 19.00 13.44 -7.76
N ARG B 47 18.14 12.45 -7.95
CA ARG B 47 16.71 12.65 -7.74
C ARG B 47 16.42 12.93 -6.27
N ILE B 48 17.13 12.26 -5.38
CA ILE B 48 16.98 12.46 -3.94
C ILE B 48 17.46 13.87 -3.54
N LYS B 49 18.58 14.28 -4.11
CA LYS B 49 19.14 15.60 -3.80
C LYS B 49 18.17 16.70 -4.22
N THR B 50 17.53 16.51 -5.36
CA THR B 50 16.54 17.45 -5.86
C THR B 50 15.37 17.59 -4.88
N ILE B 51 14.94 16.48 -4.31
CA ILE B 51 13.86 16.50 -3.34
C ILE B 51 14.28 17.19 -2.05
N GLN B 52 15.53 16.96 -1.64
CA GLN B 52 16.04 17.54 -0.40
C GLN B 52 16.24 19.04 -0.52
N GLU B 53 16.59 19.50 -1.73
CA GLU B 53 16.89 20.91 -1.94
C GLU B 53 15.62 21.72 -2.18
N ARG B 54 14.50 21.02 -2.33
CA ARG B 54 13.21 21.70 -2.47
C ARG B 54 12.73 22.18 -1.11
N CYS B 55 13.20 23.36 -0.70
CA CYS B 55 12.86 23.96 0.59
C CYS B 55 13.23 23.05 1.76
N PRO B 56 14.50 23.08 2.16
CA PRO B 56 15.01 22.28 3.28
N GLY B 61 14.38 17.77 12.02
CA GLY B 61 14.43 16.49 12.71
C GLY B 61 13.06 15.88 12.91
N HIS B 62 13.00 14.54 12.87
CA HIS B 62 11.74 13.83 13.03
C HIS B 62 11.89 12.65 14.01
N GLN B 63 10.76 12.13 14.47
CA GLN B 63 10.73 10.93 15.30
C GLN B 63 10.57 9.69 14.42
N GLU B 64 11.24 8.59 14.79
CA GLU B 64 11.10 7.37 14.00
C GLU B 64 9.65 6.90 13.95
N SER B 65 8.91 7.08 15.04
CA SER B 65 7.52 6.64 15.11
CA SER B 65 7.52 6.64 15.11
C SER B 65 6.67 7.29 14.00
N GLU B 66 6.90 8.58 13.77
CA GLU B 66 6.17 9.31 12.75
C GLU B 66 6.59 8.86 11.36
N VAL B 67 7.90 8.75 11.16
CA VAL B 67 8.42 8.38 9.86
C VAL B 67 7.90 7.03 9.40
N LEU B 68 7.81 6.08 10.34
CA LEU B 68 7.36 4.73 9.99
C LEU B 68 5.92 4.72 9.52
N MET B 69 5.13 5.66 10.03
CA MET B 69 3.72 5.70 9.70
C MET B 69 3.41 6.39 8.36
N ARG B 70 4.42 6.95 7.71
CA ARG B 70 4.20 7.60 6.42
C ARG B 70 3.77 6.60 5.36
N GLN B 71 2.72 6.95 4.61
CA GLN B 71 2.30 6.12 3.51
C GLN B 71 3.34 6.19 2.39
N MET B 72 3.42 5.15 1.58
CA MET B 72 4.45 5.08 0.54
C MET B 72 4.07 5.81 -0.74
N LEU B 73 3.86 7.11 -0.60
CA LEU B 73 3.77 8.04 -1.72
C LEU B 73 5.08 8.01 -2.51
N PRO B 74 5.06 8.51 -3.75
CA PRO B 74 6.22 8.47 -4.65
C PRO B 74 7.54 8.90 -4.03
N GLU B 75 7.56 9.94 -3.19
CA GLU B 75 8.84 10.38 -2.61
C GLU B 75 9.32 9.42 -1.50
N GLU B 76 8.38 8.92 -0.70
CA GLU B 76 8.72 7.93 0.33
C GLU B 76 9.18 6.61 -0.31
N GLN B 77 8.50 6.21 -1.38
CA GLN B 77 8.92 5.05 -2.17
C GLN B 77 10.36 5.22 -2.65
N LEU B 78 10.67 6.40 -3.18
CA LEU B 78 12.02 6.67 -3.67
C LEU B 78 13.04 6.66 -2.52
N LYS B 79 12.67 7.23 -1.39
CA LYS B 79 13.58 7.29 -0.25
C LYS B 79 13.93 5.88 0.25
N CYS B 80 12.94 4.99 0.26
CA CYS B 80 13.21 3.60 0.65
C CYS B 80 14.05 2.87 -0.39
N GLU B 81 13.77 3.11 -1.67
CA GLU B 81 14.62 2.56 -2.73
C GLU B 81 16.07 3.02 -2.55
N PHE B 82 16.27 4.29 -2.21
CA PHE B 82 17.62 4.82 -2.00
C PHE B 82 18.29 4.18 -0.79
N LEU B 83 17.53 4.05 0.29
CA LEU B 83 18.02 3.40 1.51
C LEU B 83 18.47 1.95 1.22
N LEU B 84 17.65 1.22 0.47
CA LEU B 84 17.99 -0.15 0.10
C LEU B 84 19.28 -0.18 -0.73
N LEU B 85 19.40 0.77 -1.66
CA LEU B 85 20.59 0.84 -2.50
C LEU B 85 21.85 1.13 -1.68
N LYS B 86 21.72 1.94 -0.63
CA LYS B 86 22.88 2.24 0.21
C LYS B 86 23.41 1.00 0.93
N VAL B 87 22.49 0.11 1.32
CA VAL B 87 22.90 -1.17 1.91
C VAL B 87 23.63 -2.03 0.88
N TYR B 88 23.10 -2.11 -0.33
CA TYR B 88 23.76 -2.87 -1.40
C TYR B 88 25.14 -2.34 -1.76
N CYS B 89 25.35 -1.04 -1.59
CA CYS B 89 26.67 -0.44 -1.86
C CYS B 89 27.76 -1.02 -0.99
N ASP B 90 27.40 -1.57 0.17
CA ASP B 90 28.42 -2.16 1.04
C ASP B 90 28.76 -3.58 0.60
N SER B 91 30.06 -3.90 0.54
CA SER B 91 30.46 -5.21 0.04
C SER B 91 29.89 -6.34 0.89
N LYS B 92 29.67 -6.08 2.18
CA LYS B 92 29.19 -7.11 3.08
C LYS B 92 27.72 -7.45 2.80
N SER B 93 27.06 -6.64 1.96
CA SER B 93 25.66 -6.91 1.63
C SER B 93 25.51 -8.25 0.93
N CYS B 94 26.60 -8.79 0.38
CA CYS B 94 26.52 -10.03 -0.39
C CYS B 94 25.97 -11.18 0.46
N PHE B 95 26.33 -11.21 1.75
CA PHE B 95 25.88 -12.25 2.67
C PHE B 95 24.37 -12.24 2.87
N PHE B 96 23.74 -11.13 2.52
CA PHE B 96 22.34 -10.91 2.86
C PHE B 96 21.45 -10.74 1.64
N ALA B 97 22.02 -10.80 0.44
CA ALA B 97 21.28 -10.49 -0.79
C ALA B 97 20.32 -11.61 -1.22
N SER B 98 20.79 -12.85 -1.17
CA SER B 98 20.02 -13.99 -1.66
C SER B 98 19.40 -14.79 -0.52
N GLU B 99 18.50 -15.71 -0.87
CA GLU B 99 17.84 -16.57 0.12
C GLU B 99 18.87 -17.37 0.90
N PRO B 100 18.87 -17.23 2.24
CA PRO B 100 19.89 -17.95 3.00
C PRO B 100 19.65 -19.44 3.05
N TYR B 101 20.74 -20.20 3.16
CA TYR B 101 20.67 -21.63 3.44
C TYR B 101 20.72 -21.84 4.94
N TYR B 102 19.70 -22.49 5.49
CA TYR B 102 19.66 -22.77 6.92
C TYR B 102 19.65 -24.28 7.18
N ASN B 103 18.70 -24.72 7.98
CA ASN B 103 18.56 -26.13 8.29
C ASN B 103 17.66 -26.84 7.27
N SER B 107 10.71 -27.44 7.39
CA SER B 107 10.32 -26.24 8.11
C SER B 107 11.42 -25.80 9.07
N GLN B 108 12.65 -26.15 8.75
CA GLN B 108 13.79 -25.85 9.61
C GLN B 108 14.18 -24.38 9.55
N GLY B 109 13.55 -23.64 8.64
CA GLY B 109 13.80 -22.21 8.51
C GLY B 109 13.15 -21.40 9.62
N PRO B 110 13.44 -20.09 9.65
CA PRO B 110 12.90 -19.19 10.69
C PRO B 110 11.42 -18.87 10.50
N GLN B 111 10.86 -18.15 11.47
CA GLN B 111 9.45 -17.77 11.46
C GLN B 111 9.08 -17.04 10.17
N LYS B 112 9.92 -16.11 9.76
CA LYS B 112 9.77 -15.43 8.48
C LYS B 112 11.13 -15.13 7.87
N PRO B 113 11.54 -15.94 6.88
CA PRO B 113 12.80 -15.70 6.18
C PRO B 113 12.75 -14.39 5.40
N MET B 114 13.89 -13.71 5.29
CA MET B 114 13.98 -12.43 4.59
C MET B 114 15.39 -12.20 4.06
N TRP B 115 15.49 -11.62 2.88
CA TRP B 115 16.78 -11.25 2.29
C TRP B 115 16.62 -10.02 1.40
N LEU B 116 17.74 -9.38 1.04
CA LEU B 116 17.67 -8.11 0.33
C LEU B 116 16.96 -8.20 -1.01
N ASN B 117 17.24 -9.23 -1.80
CA ASN B 117 16.59 -9.36 -3.10
C ASN B 117 15.08 -9.51 -3.00
N LYS B 118 14.60 -10.08 -1.88
CA LYS B 118 13.15 -10.19 -1.64
C LYS B 118 12.55 -8.82 -1.30
N VAL B 119 13.26 -8.04 -0.50
CA VAL B 119 12.84 -6.67 -0.21
C VAL B 119 12.85 -5.85 -1.49
N LYS B 120 13.86 -6.04 -2.33
CA LYS B 120 13.92 -5.37 -3.63
C LYS B 120 12.69 -5.69 -4.48
N THR B 121 12.35 -6.97 -4.57
CA THR B 121 11.16 -7.38 -5.32
C THR B 121 9.88 -6.80 -4.73
N SER B 122 9.79 -6.79 -3.40
CA SER B 122 8.61 -6.26 -2.73
C SER B 122 8.43 -4.77 -3.01
N LEU B 123 9.50 -4.00 -2.93
CA LEU B 123 9.47 -2.58 -3.26
C LEU B 123 9.03 -2.36 -4.71
N ASN B 124 9.60 -3.13 -5.62
CA ASN B 124 9.25 -3.03 -7.04
C ASN B 124 7.78 -3.36 -7.31
N GLU B 125 7.22 -4.24 -6.49
CA GLU B 125 5.84 -4.68 -6.71
C GLU B 125 4.89 -3.89 -5.83
N GLN B 126 5.41 -2.83 -5.22
CA GLN B 126 4.62 -1.93 -4.39
C GLN B 126 3.85 -2.68 -3.30
N MET B 127 4.54 -3.59 -2.61
CA MET B 127 3.90 -4.41 -1.58
CA MET B 127 3.91 -4.40 -1.57
C MET B 127 3.85 -3.69 -0.23
N TYR B 128 4.60 -2.61 -0.09
CA TYR B 128 4.63 -1.85 1.15
C TYR B 128 3.70 -0.63 1.05
N THR B 129 2.76 -0.50 1.98
CA THR B 129 1.87 0.66 1.98
C THR B 129 2.41 1.77 2.89
N ARG B 130 3.26 1.40 3.83
CA ARG B 130 3.89 2.39 4.72
CA ARG B 130 3.89 2.39 4.71
C ARG B 130 5.38 2.10 4.87
N VAL B 131 6.13 3.10 5.29
CA VAL B 131 7.56 2.97 5.52
C VAL B 131 7.84 1.83 6.51
N GLU B 132 6.94 1.67 7.47
CA GLU B 132 7.03 0.63 8.48
C GLU B 132 7.30 -0.76 7.92
N GLY B 133 6.57 -1.13 6.88
CA GLY B 133 6.67 -2.45 6.28
C GLY B 133 8.05 -2.72 5.72
N PHE B 134 8.60 -1.74 5.00
CA PHE B 134 9.95 -1.84 4.45
C PHE B 134 10.98 -1.95 5.58
N VAL B 135 10.87 -1.08 6.57
CA VAL B 135 11.87 -1.06 7.63
C VAL B 135 11.82 -2.34 8.46
N GLN B 136 10.61 -2.84 8.72
CA GLN B 136 10.44 -4.10 9.43
C GLN B 136 11.09 -5.27 8.70
N ASP B 137 10.92 -5.35 7.38
CA ASP B 137 11.55 -6.41 6.61
C ASP B 137 13.07 -6.30 6.64
N MET B 138 13.59 -5.09 6.52
CA MET B 138 15.04 -4.88 6.53
C MET B 138 15.63 -5.30 7.88
N ARG B 139 14.98 -4.89 8.97
CA ARG B 139 15.47 -5.24 10.29
C ARG B 139 15.36 -6.74 10.57
N LEU B 140 14.35 -7.38 9.98
CA LEU B 140 14.15 -8.82 10.11
C LEU B 140 15.34 -9.59 9.54
N ILE B 141 15.95 -9.06 8.49
CA ILE B 141 17.10 -9.71 7.87
C ILE B 141 18.22 -9.95 8.88
N PHE B 142 18.54 -8.90 9.62
CA PHE B 142 19.67 -8.95 10.53
C PHE B 142 19.31 -9.64 11.83
N HIS B 143 18.03 -9.56 12.21
CA HIS B 143 17.51 -10.34 13.34
C HIS B 143 17.68 -11.84 13.11
N ASN B 144 17.25 -12.31 11.95
CA ASN B 144 17.37 -13.72 11.59
C ASN B 144 18.83 -14.19 11.60
N HIS B 145 19.71 -13.33 11.08
CA HIS B 145 21.16 -13.62 11.06
C HIS B 145 21.68 -13.85 12.48
N LYS B 146 21.34 -12.96 13.39
CA LYS B 146 21.82 -13.06 14.76
C LYS B 146 21.27 -14.32 15.43
N GLU B 147 20.03 -14.68 15.13
CA GLU B 147 19.40 -15.83 15.77
C GLU B 147 19.96 -17.15 15.28
N PHE B 148 20.44 -17.17 14.04
CA PHE B 148 20.98 -18.40 13.48
C PHE B 148 22.45 -18.63 13.85
N TYR B 149 23.26 -17.59 13.79
CA TYR B 149 24.69 -17.74 14.05
C TYR B 149 25.03 -17.55 15.53
N ARG B 150 24.13 -16.91 16.27
CA ARG B 150 24.19 -16.79 17.72
C ARG B 150 25.59 -16.51 18.27
N GLU B 151 26.25 -17.54 18.79
CA GLU B 151 27.55 -17.37 19.45
C GLU B 151 28.71 -17.13 18.47
N ASP B 152 28.56 -17.62 17.24
CA ASP B 152 29.62 -17.53 16.23
C ASP B 152 29.98 -16.08 15.89
N LYS B 153 31.27 -15.82 15.74
CA LYS B 153 31.75 -14.48 15.44
C LYS B 153 31.17 -13.91 14.14
N PHE B 154 30.63 -14.77 13.29
CA PHE B 154 30.02 -14.35 12.02
C PHE B 154 28.77 -13.50 12.28
N THR B 155 28.26 -13.54 13.51
CA THR B 155 27.13 -12.70 13.91
CA THR B 155 27.14 -12.70 13.90
C THR B 155 27.46 -11.23 13.69
N ARG B 156 28.76 -10.90 13.78
CA ARG B 156 29.21 -9.52 13.66
C ARG B 156 28.90 -8.91 12.29
N LEU B 157 28.83 -9.74 11.25
CA LEU B 157 28.50 -9.26 9.90
C LEU B 157 27.09 -8.65 9.86
N GLY B 158 26.17 -9.27 10.60
CA GLY B 158 24.80 -8.79 10.69
C GLY B 158 24.75 -7.45 11.41
N ILE B 159 25.56 -7.33 12.47
CA ILE B 159 25.65 -6.08 13.20
C ILE B 159 26.21 -4.96 12.31
N GLN B 160 27.24 -5.28 11.54
CA GLN B 160 27.89 -4.29 10.67
C GLN B 160 26.98 -3.75 9.58
N VAL B 161 26.29 -4.65 8.87
CA VAL B 161 25.43 -4.22 7.79
C VAL B 161 24.16 -3.56 8.34
N GLN B 162 23.70 -3.97 9.51
CA GLN B 162 22.54 -3.26 10.08
C GLN B 162 22.90 -1.83 10.45
N ASP B 163 24.11 -1.61 10.97
CA ASP B 163 24.50 -0.26 11.33
CA ASP B 163 24.55 -0.27 11.31
C ASP B 163 24.56 0.63 10.09
N ILE B 164 24.93 0.06 8.95
CA ILE B 164 24.90 0.79 7.69
C ILE B 164 23.45 1.18 7.37
N PHE B 165 22.57 0.21 7.49
CA PHE B 165 21.15 0.47 7.26
C PHE B 165 20.62 1.55 8.19
N GLU B 166 20.87 1.41 9.49
CA GLU B 166 20.29 2.33 10.48
C GLU B 166 20.85 3.77 10.32
N LYS B 167 22.14 3.88 10.06
CA LYS B 167 22.76 5.18 9.79
C LYS B 167 22.15 5.89 8.58
N ASN B 168 21.93 5.15 7.49
CA ASN B 168 21.37 5.75 6.29
C ASN B 168 19.88 6.05 6.46
N PHE B 169 19.20 5.21 7.24
CA PHE B 169 17.79 5.44 7.56
C PHE B 169 17.60 6.79 8.27
N ARG B 170 18.38 7.05 9.32
CA ARG B 170 18.28 8.31 10.03
C ARG B 170 18.70 9.49 9.13
N ASN B 171 19.69 9.28 8.29
CA ASN B 171 20.16 10.35 7.40
CA ASN B 171 20.16 10.35 7.40
C ASN B 171 19.12 10.71 6.35
N ILE B 172 18.60 9.69 5.68
CA ILE B 172 17.65 9.88 4.58
C ILE B 172 16.32 10.47 5.06
N PHE B 173 15.81 10.00 6.18
CA PHE B 173 14.53 10.49 6.68
C PHE B 173 14.70 11.57 7.75
N ALA B 174 15.93 12.06 7.92
CA ALA B 174 16.24 13.14 8.86
C ALA B 174 15.72 12.87 10.27
N ILE B 175 16.04 11.69 10.81
CA ILE B 175 15.59 11.31 12.15
C ILE B 175 16.45 11.98 13.21
N GLN B 176 15.85 12.26 14.36
CA GLN B 176 16.55 12.88 15.47
C GLN B 176 17.79 12.08 15.88
ZN ZN C . -10.22 -1.64 12.43
ZN ZN D . -21.25 -11.28 11.68
O1 MES E . 5.88 19.14 -3.11
C2 MES E . 6.48 18.73 -4.33
C3 MES E . 5.83 17.46 -4.87
N4 MES E . 5.32 16.64 -3.77
C5 MES E . 5.82 16.78 -2.39
C6 MES E . 6.18 18.24 -2.07
C7 MES E . 4.70 15.35 -4.12
C8 MES E . 5.10 15.03 -5.57
S MES E . 4.56 13.54 -6.10
O1S MES E . 5.73 12.76 -6.58
O2S MES E . 3.87 12.79 -5.03
O3S MES E . 3.63 13.68 -7.25
C1 EDO F . -23.80 0.65 -16.83
O1 EDO F . -22.43 1.11 -16.80
C2 EDO F . -24.19 0.27 -18.26
O2 EDO F . -23.81 -1.09 -18.53
C1 EDO G . -4.53 9.59 -4.45
O1 EDO G . -4.45 10.12 -5.77
C2 EDO G . -3.10 9.45 -3.91
O2 EDO G . -2.49 10.75 -3.82
N1 ENK H . -22.83 -15.25 -3.15
N3 ENK H . -20.68 -17.11 -4.00
C4 ENK H . -24.98 -13.96 -3.14
C5 ENK H . -24.48 -12.83 -3.78
C6 ENK H . -25.34 -11.85 -4.24
C7 ENK H . -26.70 -11.99 -4.08
C8 ENK H . -27.21 -13.12 -3.47
C1 ENK H . -21.07 -16.92 -2.58
C2 ENK H . -22.38 -16.23 -2.44
C3 ENK H . -24.08 -15.00 -2.63
C9 ENK H . -26.35 -14.09 -2.98
N2 ENK H . -24.39 -15.80 -1.65
O1 ENK H . -23.25 -16.62 -1.51
H9 ENK H . -19.89 -17.55 -4.03
H10 ENK H . -21.31 -17.61 -4.41
H3 ENK H . -23.55 -12.73 -3.88
H4 ENK H . -24.99 -11.09 -4.67
H5 ENK H . -27.29 -11.33 -4.41
H6 ENK H . -28.14 -13.21 -3.35
H1 ENK H . -21.13 -17.80 -2.17
H2 ENK H . -20.38 -16.42 -2.12
H7 ENK H . -26.70 -14.85 -2.55
ZN ZN I . 26.79 -3.03 -10.37
ZN ZN J . 23.33 11.21 -10.69
C1 EDO K . 8.58 11.64 -8.48
O1 EDO K . 9.39 10.85 -9.36
C2 EDO K . 8.98 11.36 -7.03
O2 EDO K . 10.22 12.00 -6.72
C1 EDO L . 21.47 11.80 -2.08
O1 EDO L . 22.24 12.51 -3.05
C2 EDO L . 21.93 12.20 -0.68
O2 EDO L . 21.45 13.51 -0.40
CL CL M . 3.49 -2.03 4.72
#